data_5OJ8
#
_entry.id   5OJ8
#
_cell.length_a   69.530
_cell.length_b   69.530
_cell.length_c   199.730
_cell.angle_alpha   90.00
_cell.angle_beta   90.00
_cell.angle_gamma   120.00
#
_symmetry.space_group_name_H-M   'P 62 2 2'
#
loop_
_entity.id
_entity.type
_entity.pdbx_description
1 polymer 'Kinesin light chain 1'
2 non-polymer 'PHOSPHATE ION'
3 water water
#
_entity_poly.entity_id   1
_entity_poly.type   'polypeptide(L)'
_entity_poly.pdbx_seq_one_letter_code
;MGSSHHHHHHSSGLVPRGSHMDDPGQGIQQQHSSAAAAAQQGGYEIPARLRTLHNLVIQYASQGRYEVAVPLCKQALEDL
EKTSGHDHPDVATMLNILALVYRDQNKYKDAANLLNDALAIREKTLGKDHPAVAATLNNLAVLYGKRGKYKEAEPLCKRA
LEIREKVLGKDHPDVAKQLNNLALLCQNQGKYEEVEYYYQRALEIYQTKLGPDDPNVAKTKNNLASCYLKQGKFKQAETL
YKEILTRAHEREFGS
;
_entity_poly.pdbx_strand_id   A
#
loop_
_chem_comp.id
_chem_comp.type
_chem_comp.name
_chem_comp.formula
PO4 non-polymer 'PHOSPHATE ION' 'O4 P -3'
#
# COMPACT_ATOMS: atom_id res chain seq x y z
N ILE A 46 -16.05 -4.54 3.55
CA ILE A 46 -16.63 -3.72 2.48
C ILE A 46 -18.05 -4.20 2.17
N PRO A 47 -19.02 -3.30 1.91
CA PRO A 47 -20.39 -3.76 1.67
C PRO A 47 -20.53 -4.56 0.38
N ALA A 48 -21.47 -5.50 0.41
CA ALA A 48 -21.54 -6.55 -0.60
C ALA A 48 -21.87 -6.00 -1.98
N ARG A 49 -22.91 -5.18 -2.09
CA ARG A 49 -23.28 -4.65 -3.39
C ARG A 49 -22.19 -3.76 -3.98
N LEU A 50 -21.29 -3.24 -3.14
CA LEU A 50 -20.18 -2.43 -3.63
C LEU A 50 -19.04 -3.28 -4.18
N ARG A 51 -18.68 -4.37 -3.50
CA ARG A 51 -17.57 -5.17 -4.00
C ARG A 51 -17.93 -5.89 -5.29
N THR A 52 -19.20 -6.24 -5.49
CA THR A 52 -19.65 -6.73 -6.80
C THR A 52 -19.37 -5.69 -7.88
N LEU A 53 -19.77 -4.44 -7.62
CA LEU A 53 -19.40 -3.34 -8.50
C LEU A 53 -17.89 -3.20 -8.62
N HIS A 54 -17.18 -3.32 -7.50
CA HIS A 54 -15.71 -3.29 -7.54
C HIS A 54 -15.17 -4.32 -8.53
N ASN A 55 -15.52 -5.59 -8.33
CA ASN A 55 -15.10 -6.65 -9.24
C ASN A 55 -15.43 -6.31 -10.68
N LEU A 56 -16.61 -5.78 -10.94
CA LEU A 56 -17.03 -5.52 -12.31
C LEU A 56 -16.16 -4.44 -12.95
N VAL A 57 -15.93 -3.36 -12.21
CA VAL A 57 -15.19 -2.22 -12.74
C VAL A 57 -13.70 -2.55 -12.92
N ILE A 58 -13.13 -3.31 -11.97
CA ILE A 58 -11.72 -3.66 -12.07
C ILE A 58 -11.49 -4.62 -13.22
N GLN A 59 -12.44 -5.54 -13.43
CA GLN A 59 -12.43 -6.39 -14.62
C GLN A 59 -12.29 -5.56 -15.89
N TYR A 60 -13.21 -4.61 -16.09
CA TYR A 60 -13.13 -3.67 -17.21
C TYR A 60 -11.79 -2.95 -17.28
N ALA A 61 -11.33 -2.42 -16.14
CA ALA A 61 -10.05 -1.72 -16.14
C ALA A 61 -8.93 -2.63 -16.62
N SER A 62 -8.90 -3.87 -16.13
CA SER A 62 -7.86 -4.83 -16.48
C SER A 62 -7.89 -5.25 -17.95
N GLN A 63 -9.00 -5.01 -18.65
CA GLN A 63 -9.04 -5.12 -20.11
C GLN A 63 -8.69 -3.80 -20.80
N GLY A 64 -8.30 -2.78 -20.04
CA GLY A 64 -8.04 -1.48 -20.63
C GLY A 64 -9.29 -0.74 -21.08
N ARG A 65 -10.45 -1.16 -20.60
CA ARG A 65 -11.74 -0.62 -21.05
C ARG A 65 -12.24 0.42 -20.06
N TYR A 66 -11.42 1.49 -19.94
CA TYR A 66 -11.71 2.61 -19.06
C TYR A 66 -12.93 3.39 -19.52
N GLU A 67 -13.26 3.33 -20.82
CA GLU A 67 -14.50 3.95 -21.30
C GLU A 67 -15.74 3.29 -20.73
N VAL A 68 -15.62 2.10 -20.12
CA VAL A 68 -16.73 1.47 -19.42
C VAL A 68 -16.53 1.53 -17.91
N ALA A 69 -15.30 1.26 -17.43
CA ALA A 69 -15.06 1.29 -15.99
C ALA A 69 -15.36 2.65 -15.40
N VAL A 70 -14.95 3.73 -16.06
CA VAL A 70 -15.07 5.07 -15.47
C VAL A 70 -16.54 5.49 -15.38
N PRO A 71 -17.33 5.46 -16.47
CA PRO A 71 -18.74 5.86 -16.33
C PRO A 71 -19.47 5.07 -15.25
N LEU A 72 -19.23 3.76 -15.14
CA LEU A 72 -19.88 2.97 -14.10
C LEU A 72 -19.55 3.48 -12.70
N CYS A 73 -18.27 3.80 -12.43
CA CYS A 73 -17.92 4.32 -11.10
C CYS A 73 -18.60 5.65 -10.83
N LYS A 74 -18.50 6.59 -11.78
CA LYS A 74 -19.06 7.92 -11.57
C LYS A 74 -20.56 7.87 -11.34
N GLN A 75 -21.27 7.07 -12.14
CA GLN A 75 -22.71 6.93 -11.94
C GLN A 75 -23.02 6.31 -10.59
N ALA A 76 -22.30 5.24 -10.24
CA ALA A 76 -22.49 4.62 -8.93
C ALA A 76 -22.23 5.62 -7.82
N LEU A 77 -21.22 6.48 -7.99
CA LEU A 77 -20.95 7.49 -6.99
C LEU A 77 -22.13 8.46 -6.89
N GLU A 78 -22.61 8.94 -8.04
CA GLU A 78 -23.77 9.83 -8.06
C GLU A 78 -24.97 9.21 -7.36
N ASP A 79 -25.20 7.92 -7.62
CA ASP A 79 -26.38 7.27 -7.05
C ASP A 79 -26.20 7.01 -5.55
N LEU A 80 -24.98 6.69 -5.12
CA LEU A 80 -24.70 6.55 -3.69
C LEU A 80 -24.96 7.86 -2.95
N GLU A 81 -24.38 8.97 -3.44
CA GLU A 81 -24.65 10.29 -2.87
C GLU A 81 -26.14 10.57 -2.71
N LYS A 82 -26.93 10.24 -3.75
CA LYS A 82 -28.39 10.46 -3.70
C LYS A 82 -29.04 9.74 -2.54
N THR A 83 -28.53 8.55 -2.18
CA THR A 83 -29.19 7.73 -1.18
C THR A 83 -28.85 8.16 0.25
N SER A 84 -27.59 8.52 0.48
CA SER A 84 -27.10 8.68 1.84
C SER A 84 -26.41 10.02 2.09
N GLY A 85 -26.34 10.90 1.10
CA GLY A 85 -25.55 12.09 1.21
C GLY A 85 -24.06 11.79 1.18
N HIS A 86 -23.26 12.86 1.15
CA HIS A 86 -21.83 12.72 0.81
C HIS A 86 -21.00 12.10 1.94
N ASP A 87 -21.17 12.56 3.18
CA ASP A 87 -20.32 12.11 4.28
C ASP A 87 -20.78 10.75 4.81
N HIS A 88 -20.59 9.73 3.99
CA HIS A 88 -20.97 8.38 4.34
C HIS A 88 -19.86 7.42 3.95
N PRO A 89 -19.51 6.45 4.82
CA PRO A 89 -18.42 5.50 4.49
C PRO A 89 -18.53 4.85 3.12
N ASP A 90 -19.73 4.53 2.67
CA ASP A 90 -19.84 3.89 1.36
C ASP A 90 -19.43 4.83 0.23
N VAL A 91 -19.57 6.14 0.43
CA VAL A 91 -19.09 7.09 -0.58
C VAL A 91 -17.56 7.11 -0.62
N ALA A 92 -16.92 7.11 0.56
CA ALA A 92 -15.46 7.01 0.59
C ALA A 92 -14.98 5.73 -0.11
N THR A 93 -15.62 4.60 0.19
CA THR A 93 -15.30 3.34 -0.48
C THR A 93 -15.45 3.44 -2.00
N MET A 94 -16.55 4.06 -2.46
CA MET A 94 -16.75 4.26 -3.90
C MET A 94 -15.69 5.19 -4.47
N LEU A 95 -15.33 6.26 -3.75
CA LEU A 95 -14.27 7.14 -4.23
C LEU A 95 -12.94 6.39 -4.35
N ASN A 96 -12.70 5.42 -3.46
CA ASN A 96 -11.44 4.68 -3.54
C ASN A 96 -11.41 3.78 -4.76
N ILE A 97 -12.58 3.22 -5.14
CA ILE A 97 -12.64 2.41 -6.35
C ILE A 97 -12.34 3.26 -7.57
N LEU A 98 -13.02 4.41 -7.71
CA LEU A 98 -12.74 5.27 -8.86
C LEU A 98 -11.32 5.83 -8.82
N ALA A 99 -10.76 6.07 -7.62
CA ALA A 99 -9.37 6.53 -7.56
C ALA A 99 -8.42 5.43 -8.05
N LEU A 100 -8.72 4.18 -7.72
CA LEU A 100 -7.95 3.07 -8.27
C LEU A 100 -8.02 3.03 -9.79
N VAL A 101 -9.22 3.18 -10.37
CA VAL A 101 -9.34 3.17 -11.83
C VAL A 101 -8.50 4.29 -12.44
N TYR A 102 -8.54 5.49 -11.86
CA TYR A 102 -7.74 6.60 -12.37
C TYR A 102 -6.25 6.30 -12.21
N ARG A 103 -5.86 5.81 -11.02
CA ARG A 103 -4.48 5.38 -10.81
C ARG A 103 -4.06 4.38 -11.88
N ASP A 104 -4.97 3.44 -12.21
CA ASP A 104 -4.63 2.43 -13.20
C ASP A 104 -4.33 3.07 -14.55
N GLN A 105 -4.92 4.24 -14.84
CA GLN A 105 -4.62 5.02 -16.04
C GLN A 105 -3.49 6.04 -15.82
N ASN A 106 -2.83 5.99 -14.66
CA ASN A 106 -1.78 6.93 -14.28
C ASN A 106 -2.28 8.38 -14.18
N LYS A 107 -3.59 8.60 -14.00
CA LYS A 107 -4.09 9.96 -13.76
C LYS A 107 -3.92 10.22 -12.26
N TYR A 108 -2.67 10.55 -11.89
CA TYR A 108 -2.28 10.55 -10.49
C TYR A 108 -2.94 11.70 -9.74
N LYS A 109 -2.92 12.90 -10.32
CA LYS A 109 -3.52 14.02 -9.60
C LYS A 109 -5.04 13.86 -9.52
N ASP A 110 -5.68 13.32 -10.56
CA ASP A 110 -7.12 13.05 -10.47
C ASP A 110 -7.42 12.09 -9.33
N ALA A 111 -6.60 11.04 -9.21
CA ALA A 111 -6.84 10.01 -8.18
C ALA A 111 -6.67 10.59 -6.79
N ALA A 112 -5.67 11.44 -6.59
CA ALA A 112 -5.44 12.05 -5.28
C ALA A 112 -6.59 12.94 -4.87
N ASN A 113 -7.09 13.78 -5.80
CA ASN A 113 -8.29 14.57 -5.52
C ASN A 113 -9.38 13.70 -4.92
N LEU A 114 -9.65 12.55 -5.53
CA LEU A 114 -10.73 11.70 -5.01
C LEU A 114 -10.39 11.16 -3.63
N LEU A 115 -9.14 10.71 -3.43
CA LEU A 115 -8.78 10.11 -2.14
C LEU A 115 -8.69 11.16 -1.06
N ASN A 116 -8.32 12.39 -1.42
CA ASN A 116 -8.36 13.47 -0.43
C ASN A 116 -9.78 13.70 0.03
N ASP A 117 -10.73 13.51 -0.88
CA ASP A 117 -12.13 13.62 -0.50
C ASP A 117 -12.51 12.43 0.36
N ALA A 118 -12.09 11.22 -0.04
CA ALA A 118 -12.38 10.01 0.73
C ALA A 118 -11.77 10.07 2.12
N LEU A 119 -10.57 10.63 2.25
CA LEU A 119 -9.92 10.67 3.55
C LEU A 119 -10.72 11.53 4.54
N ALA A 120 -11.13 12.73 4.12
CA ALA A 120 -11.91 13.59 5.02
C ALA A 120 -13.20 12.89 5.43
N ILE A 121 -13.89 12.24 4.49
CA ILE A 121 -15.09 11.48 4.83
C ILE A 121 -14.76 10.44 5.92
N ARG A 122 -13.70 9.68 5.71
CA ARG A 122 -13.41 8.58 6.62
C ARG A 122 -13.01 9.06 8.00
N GLU A 123 -12.30 10.19 8.09
CA GLU A 123 -11.92 10.70 9.40
C GLU A 123 -13.14 11.18 10.17
N LYS A 124 -14.07 11.85 9.48
CA LYS A 124 -15.29 12.31 10.16
C LYS A 124 -16.15 11.12 10.58
N THR A 125 -16.34 10.16 9.67
CA THR A 125 -17.32 9.10 9.92
C THR A 125 -16.74 7.91 10.68
N LEU A 126 -15.46 7.58 10.49
CA LEU A 126 -14.88 6.43 11.16
C LEU A 126 -13.83 6.78 12.21
N GLY A 127 -13.26 7.97 12.18
CA GLY A 127 -12.33 8.34 13.24
C GLY A 127 -10.89 8.42 12.76
N LYS A 128 -10.13 9.32 13.39
CA LYS A 128 -8.76 9.61 12.97
C LYS A 128 -7.82 8.40 13.06
N ASP A 129 -8.22 7.33 13.76
CA ASP A 129 -7.34 6.18 13.98
C ASP A 129 -7.90 4.89 13.39
N HIS A 130 -8.93 4.98 12.55
CA HIS A 130 -9.53 3.79 11.98
C HIS A 130 -8.59 3.19 10.94
N PRO A 131 -8.56 1.86 10.81
CA PRO A 131 -7.70 1.25 9.78
C PRO A 131 -7.97 1.73 8.35
N ALA A 132 -9.22 2.07 8.02
CA ALA A 132 -9.50 2.51 6.66
C ALA A 132 -8.85 3.86 6.36
N VAL A 133 -8.66 4.70 7.40
CA VAL A 133 -7.93 5.94 7.24
C VAL A 133 -6.46 5.67 6.91
N ALA A 134 -5.84 4.69 7.57
CA ALA A 134 -4.46 4.33 7.21
C ALA A 134 -4.40 3.79 5.78
N ALA A 135 -5.39 3.01 5.36
CA ALA A 135 -5.44 2.56 3.97
C ALA A 135 -5.46 3.73 2.99
N THR A 136 -6.37 4.70 3.21
CA THR A 136 -6.47 5.86 2.33
C THR A 136 -5.20 6.74 2.38
N LEU A 137 -4.57 6.85 3.55
CA LEU A 137 -3.32 7.60 3.67
C LEU A 137 -2.20 6.95 2.87
N ASN A 138 -2.12 5.61 2.89
CA ASN A 138 -1.06 4.94 2.17
C ASN A 138 -1.21 5.15 0.66
N ASN A 139 -2.45 5.06 0.16
CA ASN A 139 -2.69 5.29 -1.26
C ASN A 139 -2.32 6.72 -1.67
N LEU A 140 -2.63 7.71 -0.83
CA LEU A 140 -2.22 9.09 -1.11
C LEU A 140 -0.69 9.23 -1.10
N ALA A 141 -0.02 8.62 -0.11
CA ALA A 141 1.44 8.59 -0.13
C ALA A 141 1.95 8.03 -1.45
N VAL A 142 1.32 6.97 -1.97
CA VAL A 142 1.75 6.39 -3.24
C VAL A 142 1.54 7.37 -4.39
N LEU A 143 0.38 8.05 -4.42
CA LEU A 143 0.09 8.93 -5.56
C LEU A 143 1.00 10.15 -5.56
N TYR A 144 1.24 10.76 -4.38
CA TYR A 144 2.18 11.88 -4.29
C TYR A 144 3.58 11.45 -4.73
N GLY A 145 4.00 10.26 -4.31
CA GLY A 145 5.30 9.75 -4.75
C GLY A 145 5.38 9.52 -6.26
N LYS A 146 4.27 9.13 -6.89
CA LYS A 146 4.25 8.95 -8.34
C LYS A 146 4.42 10.26 -9.08
N ARG A 147 4.19 11.39 -8.40
CA ARG A 147 4.39 12.72 -8.95
C ARG A 147 5.71 13.33 -8.49
N GLY A 148 6.62 12.50 -7.96
CA GLY A 148 7.87 13.04 -7.44
C GLY A 148 7.72 13.90 -6.22
N LYS A 149 6.57 13.84 -5.56
CA LYS A 149 6.34 14.64 -4.37
C LYS A 149 6.59 13.82 -3.09
N TYR A 150 7.83 13.32 -2.98
CA TYR A 150 8.18 12.40 -1.90
C TYR A 150 8.20 13.09 -0.53
N LYS A 151 8.42 14.40 -0.46
CA LYS A 151 8.32 15.06 0.83
C LYS A 151 6.86 15.21 1.29
N GLU A 152 5.88 15.43 0.40
CA GLU A 152 4.49 15.33 0.85
C GLU A 152 4.10 13.89 1.18
N ALA A 153 4.64 12.93 0.46
CA ALA A 153 4.22 11.54 0.67
C ALA A 153 4.60 11.04 2.06
N GLU A 154 5.78 11.43 2.56
CA GLU A 154 6.38 10.77 3.73
C GLU A 154 5.54 10.97 4.99
N PRO A 155 5.08 12.17 5.34
CA PRO A 155 4.21 12.28 6.53
C PRO A 155 2.95 11.43 6.42
N LEU A 156 2.38 11.38 5.23
CA LEU A 156 1.15 10.62 5.05
C LEU A 156 1.42 9.15 5.32
N CYS A 157 2.55 8.63 4.83
CA CYS A 157 2.88 7.23 4.99
C CYS A 157 3.23 6.91 6.45
N LYS A 158 3.96 7.82 7.11
CA LYS A 158 4.28 7.64 8.53
C LYS A 158 3.02 7.64 9.39
N ARG A 159 2.07 8.53 9.11
CA ARG A 159 0.82 8.50 9.86
C ARG A 159 0.12 7.16 9.69
N ALA A 160 0.06 6.65 8.45
CA ALA A 160 -0.60 5.36 8.25
C ALA A 160 0.11 4.26 9.03
N LEU A 161 1.44 4.35 9.10
CA LEU A 161 2.20 3.41 9.92
C LEU A 161 1.81 3.53 11.39
N GLU A 162 1.73 4.76 11.91
CA GLU A 162 1.43 4.95 13.33
C GLU A 162 0.02 4.50 13.66
N ILE A 163 -0.93 4.80 12.77
CA ILE A 163 -2.27 4.28 12.91
C ILE A 163 -2.25 2.76 13.00
N ARG A 164 -1.53 2.09 12.10
CA ARG A 164 -1.53 0.62 12.12
C ARG A 164 -0.82 0.05 13.33
N GLU A 165 0.23 0.71 13.84
CA GLU A 165 0.84 0.26 15.09
C GLU A 165 -0.12 0.44 16.25
N LYS A 166 -0.78 1.60 16.31
CA LYS A 166 -1.65 1.94 17.41
C LYS A 166 -2.92 1.09 17.44
N VAL A 167 -3.28 0.44 16.33
CA VAL A 167 -4.44 -0.45 16.31
C VAL A 167 -4.03 -1.91 16.38
N LEU A 168 -3.07 -2.32 15.55
CA LEU A 168 -2.74 -3.73 15.36
C LEU A 168 -1.53 -4.19 16.16
N GLY A 169 -0.93 -3.32 16.97
CA GLY A 169 0.27 -3.67 17.71
C GLY A 169 1.52 -3.61 16.86
N LYS A 170 2.68 -3.32 17.48
CA LYS A 170 3.92 -3.07 16.76
C LYS A 170 4.44 -4.29 15.98
N ASP A 171 3.77 -5.44 16.11
CA ASP A 171 4.24 -6.68 15.50
C ASP A 171 3.34 -7.23 14.40
N HIS A 172 2.21 -6.60 14.09
CA HIS A 172 1.30 -7.10 13.06
C HIS A 172 1.96 -7.05 11.67
N PRO A 173 1.61 -7.97 10.75
CA PRO A 173 2.26 -7.97 9.43
C PRO A 173 1.71 -6.91 8.48
N ASP A 174 0.52 -6.37 8.75
CA ASP A 174 0.12 -5.15 8.07
C ASP A 174 1.04 -4.00 8.43
N VAL A 175 1.65 -4.06 9.62
CA VAL A 175 2.66 -3.07 9.97
C VAL A 175 3.93 -3.30 9.17
N ALA A 176 4.36 -4.56 9.05
CA ALA A 176 5.48 -4.90 8.17
C ALA A 176 5.25 -4.42 6.74
N LYS A 177 4.05 -4.67 6.20
CA LYS A 177 3.71 -4.21 4.85
C LYS A 177 3.84 -2.69 4.75
N GLN A 178 3.28 -1.97 5.74
CA GLN A 178 3.45 -0.52 5.75
C GLN A 178 4.90 -0.12 5.91
N LEU A 179 5.69 -0.90 6.65
CA LEU A 179 7.12 -0.63 6.80
C LEU A 179 7.84 -0.78 5.46
N ASN A 180 7.55 -1.85 4.71
CA ASN A 180 8.07 -1.98 3.35
C ASN A 180 7.68 -0.78 2.49
N ASN A 181 6.44 -0.28 2.62
CA ASN A 181 6.04 0.88 1.84
C ASN A 181 6.82 2.13 2.26
N LEU A 182 6.99 2.35 3.56
CA LEU A 182 7.78 3.49 4.02
C LEU A 182 9.22 3.38 3.54
N ALA A 183 9.80 2.18 3.61
CA ALA A 183 11.19 1.99 3.20
C ALA A 183 11.41 2.40 1.75
N LEU A 184 10.46 2.04 0.88
CA LEU A 184 10.56 2.39 -0.54
C LEU A 184 10.52 3.89 -0.75
N LEU A 185 9.79 4.60 0.09
CA LEU A 185 9.70 6.04 -0.06
C LEU A 185 10.97 6.73 0.43
N CYS A 186 11.58 6.20 1.48
CA CYS A 186 12.85 6.74 1.95
C CYS A 186 13.94 6.48 0.94
N GLN A 187 13.83 5.38 0.19
CA GLN A 187 14.80 5.05 -0.84
C GLN A 187 14.78 6.08 -1.95
N ASN A 188 13.58 6.56 -2.33
CA ASN A 188 13.47 7.55 -3.38
C ASN A 188 13.94 8.92 -2.93
N GLN A 189 14.17 9.09 -1.63
CA GLN A 189 14.79 10.30 -1.09
C GLN A 189 16.24 10.06 -0.76
N GLY A 190 16.74 8.84 -1.00
CA GLY A 190 18.11 8.54 -0.69
C GLY A 190 18.44 8.37 0.78
N LYS A 191 17.48 8.03 1.64
CA LYS A 191 17.77 7.92 3.08
C LYS A 191 18.07 6.46 3.46
N TYR A 192 19.22 5.98 2.97
CA TYR A 192 19.46 4.53 2.95
C TYR A 192 19.59 3.95 4.34
N GLU A 193 20.09 4.73 5.31
CA GLU A 193 20.11 4.22 6.68
C GLU A 193 18.69 4.03 7.22
N GLU A 194 17.74 4.90 6.83
CA GLU A 194 16.35 4.70 7.25
C GLU A 194 15.71 3.52 6.51
N VAL A 195 15.99 3.39 5.20
CA VAL A 195 15.50 2.24 4.45
C VAL A 195 15.92 0.94 5.13
N GLU A 196 17.21 0.83 5.45
CA GLU A 196 17.73 -0.39 6.06
C GLU A 196 17.05 -0.66 7.41
N TYR A 197 16.74 0.40 8.18
CA TYR A 197 16.06 0.18 9.45
C TYR A 197 14.65 -0.37 9.24
N TYR A 198 13.88 0.23 8.33
CA TYR A 198 12.51 -0.21 8.13
C TYR A 198 12.45 -1.62 7.56
N TYR A 199 13.38 -1.96 6.66
CA TYR A 199 13.35 -3.31 6.09
C TYR A 199 13.71 -4.37 7.13
N GLN A 200 14.66 -4.06 8.02
CA GLN A 200 15.00 -4.99 9.10
C GLN A 200 13.80 -5.26 10.00
N ARG A 201 13.10 -4.19 10.41
CA ARG A 201 11.90 -4.36 11.22
C ARG A 201 10.89 -5.26 10.51
N ALA A 202 10.65 -4.98 9.22
CA ALA A 202 9.64 -5.75 8.49
C ALA A 202 10.08 -7.19 8.28
N LEU A 203 11.36 -7.43 7.97
CA LEU A 203 11.84 -8.80 7.82
C LEU A 203 11.61 -9.60 9.09
N GLU A 204 11.85 -8.98 10.25
CA GLU A 204 11.72 -9.63 11.53
C GLU A 204 10.26 -9.94 11.87
N ILE A 205 9.36 -9.00 11.62
CA ILE A 205 7.94 -9.29 11.76
C ILE A 205 7.58 -10.49 10.90
N TYR A 206 7.77 -10.35 9.58
CA TYR A 206 7.36 -11.37 8.62
C TYR A 206 7.93 -12.75 8.94
N GLN A 207 9.22 -12.83 9.30
CA GLN A 207 9.85 -14.14 9.40
C GLN A 207 9.57 -14.81 10.74
N THR A 208 9.44 -14.04 11.82
CA THR A 208 9.07 -14.61 13.11
C THR A 208 7.58 -14.88 13.22
N LYS A 209 6.76 -14.27 12.36
CA LYS A 209 5.32 -14.38 12.48
C LYS A 209 4.66 -15.15 11.35
N LEU A 210 5.28 -15.19 10.18
CA LEU A 210 4.90 -16.12 9.14
C LEU A 210 6.08 -17.07 8.92
N GLY A 211 5.97 -17.92 7.91
CA GLY A 211 7.01 -18.89 7.65
C GLY A 211 8.27 -18.24 7.12
N PRO A 212 9.43 -18.87 7.39
CA PRO A 212 10.64 -18.54 6.63
C PRO A 212 10.48 -18.78 5.13
N ASP A 213 9.51 -19.58 4.71
CA ASP A 213 9.19 -19.79 3.30
C ASP A 213 8.03 -18.92 2.83
N ASP A 214 7.80 -17.80 3.51
CA ASP A 214 6.74 -16.87 3.16
C ASP A 214 7.18 -16.01 1.97
N PRO A 215 6.29 -15.76 1.00
CA PRO A 215 6.65 -14.89 -0.13
C PRO A 215 7.23 -13.55 0.29
N ASN A 216 6.68 -12.96 1.36
CA ASN A 216 7.12 -11.64 1.79
C ASN A 216 8.51 -11.69 2.40
N VAL A 217 8.84 -12.78 3.10
CA VAL A 217 10.17 -12.89 3.70
C VAL A 217 11.24 -12.83 2.61
N ALA A 218 11.01 -13.59 1.53
CA ALA A 218 11.91 -13.52 0.38
C ALA A 218 11.91 -12.13 -0.24
N LYS A 219 10.73 -11.51 -0.36
CA LYS A 219 10.65 -10.19 -0.96
C LYS A 219 11.41 -9.16 -0.12
N THR A 220 11.23 -9.21 1.20
CA THR A 220 11.88 -8.22 2.04
C THR A 220 13.37 -8.44 2.11
N LYS A 221 13.82 -9.70 2.00
CA LYS A 221 15.25 -10.00 2.03
C LYS A 221 15.93 -9.47 0.77
N ASN A 222 15.30 -9.63 -0.40
CA ASN A 222 15.86 -9.07 -1.62
C ASN A 222 16.00 -7.55 -1.50
N ASN A 223 14.92 -6.88 -1.06
CA ASN A 223 14.96 -5.43 -0.88
C ASN A 223 16.10 -5.02 0.04
N LEU A 224 16.20 -5.65 1.21
CA LEU A 224 17.22 -5.24 2.16
C LEU A 224 18.61 -5.56 1.62
N ALA A 225 18.74 -6.70 0.91
CA ALA A 225 20.03 -7.07 0.34
C ALA A 225 20.52 -6.01 -0.63
N SER A 226 19.66 -5.57 -1.55
CA SER A 226 19.98 -4.46 -2.45
C SER A 226 20.43 -3.23 -1.66
N CYS A 227 19.70 -2.90 -0.59
CA CYS A 227 19.97 -1.68 0.17
C CYS A 227 21.33 -1.74 0.84
N TYR A 228 21.73 -2.91 1.35
CA TYR A 228 23.08 -3.10 1.86
C TYR A 228 24.12 -2.83 0.78
N LEU A 229 23.89 -3.40 -0.40
CA LEU A 229 24.85 -3.25 -1.49
C LEU A 229 24.93 -1.81 -1.97
N LYS A 230 23.79 -1.11 -2.03
CA LYS A 230 23.79 0.33 -2.29
C LYS A 230 24.70 1.07 -1.31
N GLN A 231 24.65 0.69 -0.03
CA GLN A 231 25.43 1.35 1.02
C GLN A 231 26.90 0.94 1.07
N GLY A 232 27.29 -0.13 0.39
CA GLY A 232 28.65 -0.63 0.48
C GLY A 232 28.88 -1.66 1.56
N LYS A 233 27.83 -2.06 2.28
CA LYS A 233 27.92 -3.10 3.32
C LYS A 233 27.87 -4.48 2.65
N PHE A 234 28.98 -4.80 1.98
CA PHE A 234 29.02 -5.97 1.10
C PHE A 234 28.83 -7.28 1.87
N LYS A 235 29.47 -7.41 3.04
CA LYS A 235 29.36 -8.67 3.76
C LYS A 235 27.97 -8.85 4.36
N GLN A 236 27.29 -7.76 4.70
CA GLN A 236 25.86 -7.88 5.04
C GLN A 236 25.03 -8.19 3.79
N ALA A 237 25.38 -7.57 2.65
CA ALA A 237 24.60 -7.81 1.44
C ALA A 237 24.76 -9.23 0.95
N GLU A 238 25.98 -9.77 1.05
CA GLU A 238 26.24 -11.11 0.52
C GLU A 238 25.75 -12.21 1.47
N THR A 239 25.70 -11.92 2.78
CA THR A 239 25.05 -12.83 3.72
C THR A 239 23.58 -13.06 3.34
N LEU A 240 22.85 -11.98 3.00
CA LEU A 240 21.44 -12.11 2.65
C LEU A 240 21.26 -12.79 1.30
N TYR A 241 22.12 -12.46 0.34
CA TYR A 241 22.00 -13.06 -0.99
C TYR A 241 22.16 -14.58 -0.92
N LYS A 242 23.20 -15.05 -0.20
CA LYS A 242 23.40 -16.49 -0.02
C LYS A 242 22.15 -17.16 0.51
N GLU A 243 21.49 -16.57 1.53
CA GLU A 243 20.26 -17.15 2.08
C GLU A 243 19.18 -17.26 1.01
N ILE A 244 19.01 -16.21 0.20
CA ILE A 244 17.96 -16.20 -0.80
C ILE A 244 18.17 -17.31 -1.82
N LEU A 245 19.39 -17.43 -2.35
CA LEU A 245 19.71 -18.45 -3.34
C LEU A 245 19.49 -19.85 -2.78
N THR A 246 20.12 -20.14 -1.63
CA THR A 246 20.03 -21.46 -1.02
C THR A 246 18.60 -21.85 -0.72
N ARG A 247 17.81 -20.92 -0.18
CA ARG A 247 16.42 -21.27 0.11
C ARG A 247 15.63 -21.47 -1.18
N ALA A 248 15.95 -20.72 -2.23
CA ALA A 248 15.29 -20.94 -3.52
C ALA A 248 15.61 -22.34 -4.05
N HIS A 249 16.90 -22.69 -4.11
CA HIS A 249 17.31 -24.04 -4.46
C HIS A 249 16.61 -25.08 -3.58
N GLU A 250 16.48 -24.79 -2.28
CA GLU A 250 15.82 -25.77 -1.41
C GLU A 250 14.35 -25.94 -1.77
N ARG A 251 13.69 -24.85 -2.16
CA ARG A 251 12.25 -24.95 -2.44
C ARG A 251 11.98 -25.82 -3.66
N GLU A 252 12.76 -25.63 -4.74
CA GLU A 252 12.52 -26.42 -5.95
C GLU A 252 12.87 -27.89 -5.74
N PHE A 253 14.02 -28.18 -5.13
CA PHE A 253 14.36 -29.56 -4.79
C PHE A 253 13.30 -30.16 -3.86
N GLY A 254 13.18 -31.47 -3.89
CA GLY A 254 12.21 -32.16 -3.08
C GLY A 254 12.71 -32.60 -1.71
N SER A 255 12.01 -33.59 -1.16
CA SER A 255 12.51 -34.35 -0.02
C SER A 255 13.16 -35.64 -0.53
P PO4 B . -18.62 -7.20 -21.92
O1 PO4 B . -19.62 -8.24 -22.35
O2 PO4 B . -18.85 -6.93 -20.46
O3 PO4 B . -18.78 -5.94 -22.75
O4 PO4 B . -17.21 -7.71 -22.15
P PO4 C . 3.01 2.61 -12.07
O1 PO4 C . 2.53 2.06 -13.38
O2 PO4 C . 3.11 1.48 -11.05
O3 PO4 C . 4.36 3.26 -12.26
O4 PO4 C . 2.04 3.66 -11.58
#